data_7VKC
#
_entry.id   7VKC
#
_cell.length_a   52.948
_cell.length_b   64.638
_cell.length_c   90.416
_cell.angle_alpha   90.000
_cell.angle_beta   90.000
_cell.angle_gamma   90.000
#
_symmetry.space_group_name_H-M   'P 21 21 21'
#
loop_
_entity.id
_entity.type
_entity.pdbx_description
1 polymer 'HipA_C domain-containing protein'
2 water water
#
_entity_poly.entity_id   1
_entity_poly.type   'polypeptide(L)'
_entity_poly.pdbx_seq_one_letter_code
;FQSNA(MSE)KHCPITYEKISDQENYSQRGLHLLSPQLKNLSPLDLSADEQRQEAIARVGK(MSE)(SEP)VQGVQKKLS
AKLKIKEGCFEIVDQYGQYILKPQSDIYPELPENEAIT(MSE)TLAKTIGLEVPVHGLVYSKDNSLTYFIKRFDRIGHNK
KLALEDFAQLSGEDRHTKYKSS(MSE)EKVIAVIEQFCTFPKIEFVKLFKLTLFNFLVGNED(MSE)HLKNFSLITKDRK
ISISPAYDLLNSTIAQKNTKEELALPLKGKKNNLTKSDFLKYFAIEKLGLNQNVIDGIVQEFHQVIPKWQELIGFSFLSQ
E(MSE)QEKYLELLEQRCKRLNFFD
;
_entity_poly.pdbx_strand_id   A
#
# COMPACT_ATOMS: atom_id res chain seq x y z
N PHE A 1 30.73 -2.92 -3.99
CA PHE A 1 29.68 -3.66 -4.69
C PHE A 1 28.75 -2.68 -5.40
N GLN A 2 27.97 -3.20 -6.36
CA GLN A 2 27.11 -2.33 -7.14
C GLN A 2 25.91 -1.85 -6.34
N SER A 3 25.45 -2.65 -5.38
CA SER A 3 24.38 -2.25 -4.49
C SER A 3 24.91 -1.30 -3.44
N ASN A 4 24.10 -0.32 -3.07
CA ASN A 4 24.40 0.50 -1.92
C ASN A 4 23.99 -0.25 -0.66
N ALA A 5 24.74 -0.07 0.41
CA ALA A 5 24.39 -0.69 1.66
C ALA A 5 22.99 -0.31 2.11
N MSE A 6 22.33 -1.25 2.75
CA MSE A 6 21.00 -0.99 3.20
C MSE A 6 21.12 -1.08 4.68
O MSE A 6 21.03 -2.21 5.13
CB MSE A 6 20.09 -1.99 2.47
CG MSE A 6 19.48 -1.31 1.23
SE MSE A 6 18.90 -2.65 -0.11
CE MSE A 6 19.12 -1.59 -1.74
N LYS A 7 21.16 0.02 5.41
CA LYS A 7 21.45 0.06 6.82
C LYS A 7 20.35 0.35 7.79
N HIS A 8 19.13 0.22 7.31
CA HIS A 8 17.99 0.50 8.12
C HIS A 8 17.10 -0.71 8.24
N CYS A 9 16.15 -0.64 9.13
CA CYS A 9 15.31 -1.80 9.39
C CYS A 9 14.29 -1.99 8.27
N PRO A 10 14.13 -3.21 7.75
CA PRO A 10 13.12 -3.47 6.72
C PRO A 10 11.68 -3.34 7.19
N ILE A 11 11.44 -2.98 8.44
CA ILE A 11 10.10 -2.80 9.00
C ILE A 11 9.86 -1.36 9.42
N THR A 12 10.77 -0.79 10.22
CA THR A 12 10.59 0.57 10.71
C THR A 12 11.45 1.61 10.00
N TYR A 13 12.46 1.20 9.24
CA TYR A 13 13.45 2.08 8.61
C TYR A 13 14.30 2.87 9.61
N GLU A 14 14.32 2.47 10.87
CA GLU A 14 15.27 3.08 11.80
C GLU A 14 16.65 2.48 11.57
N LYS A 15 17.68 3.23 11.96
CA LYS A 15 19.04 2.74 11.81
C LYS A 15 19.29 1.48 12.65
N ILE A 16 19.95 0.49 12.04
CA ILE A 16 20.40 -0.70 12.74
C ILE A 16 21.85 -0.99 12.35
N SER A 17 22.48 -1.88 13.12
CA SER A 17 23.85 -2.25 12.82
C SER A 17 23.89 -3.27 11.69
N ASP A 18 25.10 -3.47 11.13
CA ASP A 18 25.25 -4.40 10.01
C ASP A 18 24.90 -5.82 10.40
N GLN A 19 25.08 -6.16 11.67
CA GLN A 19 24.86 -7.53 12.11
C GLN A 19 23.39 -7.83 12.40
N GLU A 20 22.56 -6.80 12.56
CA GLU A 20 21.12 -7.00 12.68
C GLU A 20 20.45 -7.01 11.32
N ASN A 21 19.40 -7.83 11.23
CA ASN A 21 18.51 -7.83 10.07
C ASN A 21 17.27 -6.98 10.28
N TYR A 22 16.76 -6.91 11.51
CA TYR A 22 15.58 -6.12 11.85
C TYR A 22 15.82 -5.41 13.17
N SER A 23 15.23 -4.23 13.32
CA SER A 23 15.19 -3.53 14.60
C SER A 23 14.31 -4.29 15.61
N GLN A 24 14.58 -4.06 16.89
CA GLN A 24 13.74 -4.65 17.92
C GLN A 24 12.32 -4.10 17.87
N ARG A 25 12.18 -2.79 17.63
CA ARG A 25 10.86 -2.20 17.48
C ARG A 25 10.10 -2.84 16.32
N GLY A 26 10.81 -3.17 15.24
CA GLY A 26 10.15 -3.79 14.09
C GLY A 26 9.66 -5.19 14.41
N LEU A 27 10.51 -6.01 15.04
CA LEU A 27 10.08 -7.34 15.47
C LEU A 27 8.84 -7.24 16.34
N HIS A 28 8.79 -6.23 17.22
CA HIS A 28 7.68 -6.15 18.17
C HIS A 28 6.39 -5.70 17.52
N LEU A 29 6.47 -4.97 16.40
CA LEU A 29 5.26 -4.65 15.65
C LEU A 29 4.56 -5.91 15.18
N LEU A 30 5.32 -6.94 14.81
CA LEU A 30 4.74 -8.25 14.53
C LEU A 30 4.15 -8.87 15.80
N SER A 31 4.95 -8.94 16.87
CA SER A 31 4.50 -9.42 18.16
C SER A 31 5.51 -8.99 19.22
N PRO A 32 5.06 -8.47 20.36
CA PRO A 32 6.03 -8.12 21.42
C PRO A 32 6.89 -9.28 21.88
N GLN A 33 6.48 -10.52 21.63
CA GLN A 33 7.24 -11.69 22.05
C GLN A 33 8.06 -12.32 20.93
N LEU A 34 8.07 -11.73 19.74
CA LEU A 34 8.92 -12.19 18.66
C LEU A 34 10.35 -11.71 18.93
N LYS A 35 11.27 -12.66 19.02
CA LYS A 35 12.66 -12.36 19.37
C LYS A 35 13.59 -12.37 18.17
N ASN A 36 13.14 -12.89 17.03
CA ASN A 36 13.96 -13.01 15.83
C ASN A 36 13.01 -13.30 14.70
N LEU A 37 13.46 -13.03 13.47
CA LEU A 37 12.72 -13.40 12.27
C LEU A 37 13.68 -14.09 11.32
N SER A 38 13.52 -15.41 11.18
CA SER A 38 14.35 -16.16 10.27
C SER A 38 13.93 -15.85 8.84
N PRO A 39 14.83 -15.98 7.87
CA PRO A 39 14.44 -15.78 6.47
C PRO A 39 13.47 -16.86 6.03
N LEU A 40 12.69 -16.54 5.00
CA LEU A 40 11.84 -17.55 4.39
C LEU A 40 12.70 -18.65 3.80
N ASP A 41 12.27 -19.91 3.95
CA ASP A 41 13.11 -21.01 3.50
C ASP A 41 12.89 -21.36 2.04
N LEU A 42 12.31 -20.43 1.28
CA LEU A 42 12.06 -20.60 -0.15
C LEU A 42 12.72 -19.44 -0.89
N SER A 43 13.27 -19.73 -2.06
CA SER A 43 13.76 -18.71 -2.96
C SER A 43 12.58 -17.93 -3.54
N ALA A 44 12.88 -16.81 -4.20
CA ALA A 44 11.84 -16.05 -4.88
C ALA A 44 11.10 -16.91 -5.89
N ASP A 45 11.84 -17.71 -6.67
CA ASP A 45 11.22 -18.58 -7.66
C ASP A 45 10.32 -19.63 -6.99
N GLU A 46 10.80 -20.23 -5.90
CA GLU A 46 9.96 -21.20 -5.19
C GLU A 46 8.72 -20.53 -4.62
N GLN A 47 8.84 -19.29 -4.14
CA GLN A 47 7.70 -18.60 -3.60
C GLN A 47 6.66 -18.32 -4.66
N ARG A 48 7.11 -17.92 -5.85
CA ARG A 48 6.17 -17.71 -6.95
C ARG A 48 5.48 -19.01 -7.36
N GLN A 49 6.24 -20.11 -7.39
CA GLN A 49 5.64 -21.40 -7.76
C GLN A 49 4.61 -21.83 -6.73
N GLU A 50 4.91 -21.64 -5.44
CA GLU A 50 3.94 -21.96 -4.40
C GLU A 50 2.70 -21.07 -4.49
N ALA A 51 2.88 -19.78 -4.72
CA ALA A 51 1.73 -18.88 -4.87
C ALA A 51 0.81 -19.34 -5.99
N ILE A 52 1.40 -19.73 -7.12
CA ILE A 52 0.60 -20.20 -8.25
C ILE A 52 -0.20 -21.43 -7.85
N ALA A 53 0.46 -22.37 -7.16
CA ALA A 53 -0.21 -23.63 -6.81
C ALA A 53 -1.26 -23.46 -5.73
N ARG A 54 -1.15 -22.43 -4.90
CA ARG A 54 -2.05 -22.24 -3.77
C ARG A 54 -3.17 -21.26 -4.06
N VAL A 55 -3.29 -20.77 -5.30
CA VAL A 55 -4.18 -19.65 -5.59
C VAL A 55 -5.65 -20.00 -5.33
N GLY A 56 -6.04 -21.26 -5.51
CA GLY A 56 -7.43 -21.63 -5.28
C GLY A 56 -7.85 -21.49 -3.83
N LYS A 57 -6.90 -21.62 -2.91
CA LYS A 57 -7.18 -21.45 -1.49
C LYS A 57 -6.94 -20.03 -1.01
N MSE A 58 -6.50 -19.15 -1.90
CA MSE A 58 -6.12 -17.81 -1.52
C MSE A 58 -7.39 -16.98 -1.37
O MSE A 58 -8.09 -16.74 -2.35
CB MSE A 58 -5.21 -17.22 -2.61
CG MSE A 58 -5.11 -15.72 -2.57
SE MSE A 58 -4.26 -15.09 -0.94
CE MSE A 58 -3.00 -16.55 -0.55
N SEP A 59 -7.72 -16.57 -0.15
CA SEP A 59 -8.99 -15.87 0.10
CB SEP A 59 -9.58 -16.29 1.45
OG SEP A 59 -8.54 -16.29 2.41
C SEP A 59 -8.86 -14.34 -0.01
O SEP A 59 -9.86 -13.62 0.13
P SEP A 59 -8.77 -16.88 3.88
O1P SEP A 59 -7.29 -16.81 4.48
O2P SEP A 59 -9.37 -18.38 3.87
O3P SEP A 59 -9.71 -15.87 4.71
N VAL A 60 -7.66 -13.85 -0.27
CA VAL A 60 -7.40 -12.42 -0.47
C VAL A 60 -7.32 -12.14 -1.96
N GLN A 61 -8.04 -11.12 -2.43
CA GLN A 61 -8.06 -10.80 -3.85
C GLN A 61 -6.80 -10.05 -4.26
N GLY A 62 -6.62 -9.93 -5.58
CA GLY A 62 -5.46 -9.23 -6.13
C GLY A 62 -4.72 -10.10 -7.12
N VAL A 63 -4.39 -9.53 -8.28
CA VAL A 63 -3.78 -10.33 -9.34
C VAL A 63 -2.34 -10.73 -9.03
N GLN A 64 -1.66 -10.01 -8.14
CA GLN A 64 -0.27 -10.31 -7.85
C GLN A 64 -0.16 -11.63 -7.10
N LYS A 65 0.91 -12.37 -7.37
CA LYS A 65 1.14 -13.62 -6.66
C LYS A 65 1.31 -13.35 -5.17
N LYS A 66 0.57 -14.10 -4.36
CA LYS A 66 0.49 -13.90 -2.92
C LYS A 66 0.52 -15.26 -2.23
N LEU A 67 1.06 -15.27 -1.01
CA LEU A 67 1.03 -16.44 -0.15
C LEU A 67 0.37 -16.05 1.18
N SER A 68 -0.42 -16.95 1.72
CA SER A 68 -0.94 -16.80 3.08
C SER A 68 0.04 -17.41 4.07
N ALA A 69 0.21 -16.76 5.22
CA ALA A 69 1.20 -17.23 6.17
C ALA A 69 0.74 -16.96 7.60
N LYS A 70 1.24 -17.78 8.52
CA LYS A 70 1.13 -17.54 9.95
C LYS A 70 2.51 -17.17 10.46
N LEU A 71 2.53 -16.42 11.55
CA LEU A 71 3.76 -16.09 12.25
C LEU A 71 3.92 -17.07 13.41
N LYS A 72 4.98 -17.89 13.36
CA LYS A 72 5.32 -18.80 14.45
C LYS A 72 6.18 -18.03 15.44
N ILE A 73 5.58 -17.59 16.55
CA ILE A 73 6.18 -16.56 17.37
C ILE A 73 7.37 -17.11 18.16
N LYS A 74 7.21 -18.30 18.75
CA LYS A 74 8.29 -18.87 19.55
C LYS A 74 9.46 -19.32 18.70
N GLU A 75 9.17 -19.95 17.55
CA GLU A 75 10.24 -20.30 16.61
C GLU A 75 10.83 -19.05 15.95
N GLY A 76 9.99 -18.07 15.64
CA GLY A 76 10.46 -16.86 15.03
C GLY A 76 10.54 -16.94 13.51
N CYS A 77 9.46 -17.38 12.87
CA CYS A 77 9.46 -17.49 11.42
C CYS A 77 8.02 -17.45 10.91
N PHE A 78 7.88 -17.14 9.62
CA PHE A 78 6.62 -17.33 8.92
C PHE A 78 6.47 -18.78 8.50
N GLU A 79 5.21 -19.25 8.47
CA GLU A 79 4.87 -20.55 7.91
C GLU A 79 3.79 -20.34 6.87
N ILE A 80 4.03 -20.82 5.66
CA ILE A 80 3.04 -20.72 4.59
C ILE A 80 1.89 -21.69 4.88
N VAL A 81 0.66 -21.22 4.67
CA VAL A 81 -0.56 -21.97 4.97
C VAL A 81 -1.61 -21.72 3.89
N ASP A 82 -2.65 -22.54 3.91
CA ASP A 82 -3.85 -22.30 3.12
C ASP A 82 -4.99 -21.72 3.96
N GLN A 83 -5.12 -22.12 5.22
CA GLN A 83 -6.25 -21.73 6.05
C GLN A 83 -5.81 -20.92 7.26
N TYR A 84 -6.64 -19.94 7.63
CA TYR A 84 -6.42 -19.12 8.84
C TYR A 84 -5.11 -18.34 8.77
N GLY A 85 -4.70 -17.94 7.58
CA GLY A 85 -3.52 -17.10 7.47
C GLY A 85 -3.75 -15.74 8.12
N GLN A 86 -2.68 -15.24 8.77
CA GLN A 86 -2.70 -13.95 9.45
C GLN A 86 -1.92 -12.89 8.70
N TYR A 87 -1.08 -13.30 7.76
CA TYR A 87 -0.25 -12.40 6.96
C TYR A 87 -0.37 -12.79 5.49
N ILE A 88 -0.10 -11.82 4.63
CA ILE A 88 0.03 -12.03 3.20
C ILE A 88 1.48 -11.73 2.84
N LEU A 89 2.10 -12.63 2.06
CA LEU A 89 3.46 -12.46 1.58
C LEU A 89 3.43 -12.27 0.07
N LYS A 90 4.23 -11.32 -0.42
CA LYS A 90 4.30 -11.06 -1.86
C LYS A 90 5.75 -11.16 -2.30
N PRO A 91 6.13 -12.22 -3.01
CA PRO A 91 7.52 -12.36 -3.45
C PRO A 91 7.84 -11.42 -4.60
N GLN A 92 9.13 -11.37 -4.93
CA GLN A 92 9.59 -10.66 -6.11
C GLN A 92 8.80 -11.10 -7.34
N SER A 93 8.48 -10.14 -8.19
CA SER A 93 7.88 -10.45 -9.48
C SER A 93 8.97 -10.93 -10.43
N ASP A 94 8.59 -11.83 -11.33
CA ASP A 94 9.50 -12.25 -12.38
C ASP A 94 9.50 -11.32 -13.58
N ILE A 95 8.71 -10.25 -13.53
CA ILE A 95 8.53 -9.33 -14.65
C ILE A 95 8.92 -7.90 -14.28
N TYR A 96 8.41 -7.40 -13.16
CA TYR A 96 8.60 -6.02 -12.75
C TYR A 96 9.62 -5.93 -11.64
N PRO A 97 10.47 -4.92 -11.71
CA PRO A 97 11.56 -4.80 -10.73
C PRO A 97 11.09 -4.28 -9.37
N GLU A 98 11.58 -4.92 -8.31
CA GLU A 98 11.54 -4.36 -6.94
C GLU A 98 10.13 -4.09 -6.45
N LEU A 99 9.16 -4.91 -6.85
CA LEU A 99 7.79 -4.69 -6.37
C LEU A 99 7.66 -4.80 -4.87
N PRO A 100 8.28 -5.78 -4.19
CA PRO A 100 8.19 -5.80 -2.72
C PRO A 100 8.78 -4.57 -2.06
N GLU A 101 9.99 -4.17 -2.47
CA GLU A 101 10.64 -3.00 -1.86
C GLU A 101 9.81 -1.74 -2.08
N ASN A 102 9.18 -1.65 -3.26
CA ASN A 102 8.39 -0.48 -3.64
C ASN A 102 7.10 -0.43 -2.81
N GLU A 103 6.36 -1.52 -2.77
CA GLU A 103 5.16 -1.58 -1.93
C GLU A 103 5.49 -1.31 -0.46
N ALA A 104 6.59 -1.88 0.04
CA ALA A 104 6.95 -1.68 1.45
C ALA A 104 7.17 -0.20 1.77
N ILE A 105 8.01 0.49 0.99
CA ILE A 105 8.26 1.89 1.29
C ILE A 105 7.00 2.74 1.05
N THR A 106 6.24 2.41 0.02
CA THR A 106 5.06 3.22 -0.31
C THR A 106 4.02 3.12 0.80
N MSE A 107 3.76 1.91 1.29
CA MSE A 107 2.87 1.78 2.42
C MSE A 107 3.37 2.54 3.64
O MSE A 107 2.57 3.08 4.42
CB MSE A 107 2.59 0.31 2.77
CG MSE A 107 2.00 -0.45 1.61
SE MSE A 107 0.09 -0.08 1.57
CE MSE A 107 -0.53 -1.36 2.90
N THR A 108 4.69 2.56 3.84
CA THR A 108 5.26 3.33 4.94
C THR A 108 5.05 4.82 4.75
N LEU A 109 5.20 5.32 3.51
CA LEU A 109 4.89 6.74 3.26
C LEU A 109 3.43 7.05 3.57
N ALA A 110 2.52 6.14 3.21
CA ALA A 110 1.11 6.36 3.50
C ALA A 110 0.86 6.43 5.00
N LYS A 111 1.54 5.55 5.76
CA LYS A 111 1.42 5.57 7.22
C LYS A 111 1.94 6.90 7.78
N THR A 112 3.03 7.42 7.21
CA THR A 112 3.61 8.67 7.70
C THR A 112 2.69 9.86 7.52
N ILE A 113 1.79 9.82 6.54
CA ILE A 113 0.86 10.92 6.32
C ILE A 113 -0.46 10.70 7.06
N GLY A 114 -0.52 9.66 7.89
CA GLY A 114 -1.68 9.48 8.74
C GLY A 114 -2.79 8.60 8.20
N LEU A 115 -2.59 7.95 7.05
CA LEU A 115 -3.58 6.99 6.58
C LEU A 115 -3.53 5.75 7.46
N GLU A 116 -4.66 5.03 7.51
CA GLU A 116 -4.71 3.79 8.26
C GLU A 116 -4.03 2.70 7.45
N VAL A 117 -2.94 2.15 7.98
CA VAL A 117 -2.11 1.22 7.23
C VAL A 117 -1.74 0.06 8.15
N PRO A 118 -1.96 -1.19 7.75
CA PRO A 118 -1.62 -2.32 8.62
C PRO A 118 -0.11 -2.47 8.74
N VAL A 119 0.29 -3.22 9.77
CA VAL A 119 1.68 -3.59 9.94
C VAL A 119 2.17 -4.29 8.68
N HIS A 120 3.34 -3.89 8.20
CA HIS A 120 3.87 -4.42 6.95
C HIS A 120 5.39 -4.28 6.99
N GLY A 121 6.05 -4.90 6.03
CA GLY A 121 7.50 -4.75 5.94
C GLY A 121 8.07 -5.71 4.92
N LEU A 122 9.36 -5.99 5.06
CA LEU A 122 10.05 -6.93 4.18
C LEU A 122 10.70 -8.01 5.03
N VAL A 123 10.73 -9.22 4.49
CA VAL A 123 11.40 -10.36 5.12
C VAL A 123 12.37 -10.94 4.09
N TYR A 124 13.56 -11.29 4.54
CA TYR A 124 14.55 -11.86 3.65
C TYR A 124 14.17 -13.29 3.29
N SER A 125 14.62 -13.74 2.12
CA SER A 125 14.35 -15.08 1.63
C SER A 125 15.65 -15.90 1.57
N LYS A 126 15.50 -17.17 1.18
CA LYS A 126 16.62 -18.09 1.12
C LYS A 126 17.69 -17.60 0.15
N ASP A 127 17.26 -16.94 -0.94
CA ASP A 127 18.16 -16.44 -1.96
C ASP A 127 18.54 -14.98 -1.74
N ASN A 128 18.27 -14.43 -0.57
CA ASN A 128 18.50 -13.05 -0.14
C ASN A 128 17.44 -12.09 -0.67
N SER A 129 16.54 -12.52 -1.56
CA SER A 129 15.55 -11.60 -2.10
C SER A 129 14.56 -11.18 -1.00
N LEU A 130 14.02 -9.97 -1.16
CA LEU A 130 13.13 -9.41 -0.16
C LEU A 130 11.68 -9.67 -0.56
N THR A 131 10.93 -10.28 0.35
CA THR A 131 9.51 -10.53 0.17
C THR A 131 8.71 -9.56 1.04
N TYR A 132 7.67 -8.97 0.46
CA TYR A 132 6.81 -8.06 1.20
C TYR A 132 5.86 -8.84 2.07
N PHE A 133 5.61 -8.34 3.28
CA PHE A 133 4.57 -8.90 4.12
C PHE A 133 3.62 -7.84 4.62
N ILE A 134 2.36 -8.22 4.84
CA ILE A 134 1.38 -7.34 5.43
C ILE A 134 0.46 -8.17 6.33
N LYS A 135 0.11 -7.61 7.48
CA LYS A 135 -0.84 -8.28 8.36
C LYS A 135 -2.25 -8.17 7.80
N ARG A 136 -2.99 -9.28 7.87
CA ARG A 136 -4.41 -9.25 7.51
C ARG A 136 -5.16 -8.35 8.49
N PHE A 137 -5.98 -7.45 7.95
CA PHE A 137 -6.79 -6.58 8.78
C PHE A 137 -8.22 -7.08 8.96
N ASP A 138 -8.60 -8.15 8.26
CA ASP A 138 -9.95 -8.69 8.34
C ASP A 138 -10.05 -9.88 9.27
N ARG A 139 -8.93 -10.36 9.81
CA ARG A 139 -8.98 -11.48 10.73
C ARG A 139 -7.90 -11.30 11.78
N ILE A 140 -8.22 -11.69 13.02
CA ILE A 140 -7.23 -11.80 14.09
C ILE A 140 -7.20 -13.25 14.52
N GLY A 141 -6.05 -13.90 14.37
CA GLY A 141 -5.90 -15.26 14.87
C GLY A 141 -6.73 -16.23 14.06
N HIS A 142 -7.51 -17.06 14.76
CA HIS A 142 -8.36 -18.05 14.11
C HIS A 142 -9.83 -17.72 14.32
N ASN A 143 -10.13 -16.44 14.49
CA ASN A 143 -11.48 -15.95 14.74
C ASN A 143 -12.21 -15.72 13.41
N LYS A 144 -13.43 -15.21 13.51
CA LYS A 144 -14.22 -14.91 12.32
C LYS A 144 -13.62 -13.75 11.56
N LYS A 145 -13.76 -13.79 10.24
CA LYS A 145 -13.34 -12.68 9.40
C LYS A 145 -14.37 -11.55 9.44
N LEU A 146 -13.88 -10.32 9.51
CA LEU A 146 -14.75 -9.18 9.35
C LEU A 146 -15.24 -9.11 7.91
N ALA A 147 -16.47 -8.65 7.74
CA ALA A 147 -17.04 -8.49 6.42
C ALA A 147 -16.24 -7.45 5.65
N LEU A 148 -15.87 -7.79 4.40
CA LEU A 148 -15.06 -6.93 3.55
C LEU A 148 -15.54 -7.11 2.13
N GLU A 149 -15.93 -6.01 1.46
CA GLU A 149 -16.42 -6.08 0.10
C GLU A 149 -15.73 -5.01 -0.72
N ASP A 150 -15.22 -5.37 -1.90
CA ASP A 150 -14.57 -4.36 -2.72
C ASP A 150 -15.58 -3.55 -3.53
N PHE A 151 -15.11 -2.46 -4.13
CA PHE A 151 -16.03 -1.55 -4.77
C PHE A 151 -16.54 -2.06 -6.11
N ALA A 152 -15.90 -3.06 -6.70
CA ALA A 152 -16.51 -3.70 -7.86
C ALA A 152 -17.80 -4.40 -7.47
N GLN A 153 -17.74 -5.21 -6.40
CA GLN A 153 -18.94 -5.87 -5.89
C GLN A 153 -20.01 -4.84 -5.50
N LEU A 154 -19.61 -3.81 -4.77
CA LEU A 154 -20.58 -2.85 -4.23
C LEU A 154 -21.22 -1.99 -5.31
N SER A 155 -20.50 -1.66 -6.38
CA SER A 155 -21.04 -0.81 -7.44
C SER A 155 -21.76 -1.59 -8.53
N GLY A 156 -21.96 -2.89 -8.35
CA GLY A 156 -22.70 -3.68 -9.32
C GLY A 156 -21.89 -4.15 -10.50
N GLU A 157 -20.56 -4.11 -10.42
CA GLU A 157 -19.74 -4.54 -11.54
C GLU A 157 -19.36 -6.02 -11.42
N ASP A 158 -18.88 -6.56 -12.53
CA ASP A 158 -18.35 -7.92 -12.54
C ASP A 158 -17.10 -8.01 -11.67
N ARG A 159 -16.81 -9.24 -11.22
CA ARG A 159 -15.73 -9.45 -10.25
C ARG A 159 -14.36 -9.04 -10.81
N HIS A 160 -14.18 -9.12 -12.12
CA HIS A 160 -12.89 -8.80 -12.74
C HIS A 160 -12.71 -7.33 -13.05
N THR A 161 -13.70 -6.48 -12.77
CA THR A 161 -13.64 -5.10 -13.22
C THR A 161 -12.71 -4.29 -12.32
N LYS A 162 -11.65 -3.71 -12.92
CA LYS A 162 -10.69 -2.90 -12.20
C LYS A 162 -10.60 -1.46 -12.70
N TYR A 163 -10.57 -1.24 -14.02
CA TYR A 163 -10.32 0.09 -14.57
C TYR A 163 -11.53 0.75 -15.21
N LYS A 164 -12.58 0.01 -15.52
CA LYS A 164 -13.77 0.60 -16.18
C LYS A 164 -14.74 1.13 -15.11
N SER A 165 -14.31 2.23 -14.50
CA SER A 165 -15.07 2.95 -13.48
C SER A 165 -14.51 4.38 -13.41
N SER A 166 -14.78 5.06 -12.32
CA SER A 166 -14.31 6.44 -12.17
C SER A 166 -14.28 6.78 -10.68
N MSE A 167 -13.56 7.85 -10.36
CA MSE A 167 -13.58 8.39 -9.00
C MSE A 167 -14.96 8.79 -8.55
O MSE A 167 -15.31 8.64 -7.39
CB MSE A 167 -12.63 9.58 -8.86
CG MSE A 167 -11.22 9.25 -9.19
SE MSE A 167 -10.55 7.89 -7.96
CE MSE A 167 -10.95 8.68 -6.22
N GLU A 168 -15.76 9.30 -9.49
CA GLU A 168 -17.11 9.69 -9.13
C GLU A 168 -17.96 8.48 -8.75
N LYS A 169 -17.73 7.33 -9.39
CA LYS A 169 -18.43 6.13 -9.00
C LYS A 169 -17.91 5.58 -7.66
N VAL A 170 -16.62 5.76 -7.40
CA VAL A 170 -16.05 5.41 -6.09
C VAL A 170 -16.72 6.24 -5.01
N ILE A 171 -16.88 7.55 -5.24
CA ILE A 171 -17.56 8.42 -4.29
C ILE A 171 -18.99 7.92 -4.05
N ALA A 172 -19.69 7.54 -5.12
CA ALA A 172 -21.07 7.09 -4.98
C ALA A 172 -21.19 5.83 -4.12
N VAL A 173 -20.18 4.95 -4.15
CA VAL A 173 -20.22 3.77 -3.29
C VAL A 173 -20.16 4.18 -1.84
N ILE A 174 -19.27 5.12 -1.51
CA ILE A 174 -19.14 5.60 -0.14
C ILE A 174 -20.45 6.24 0.31
N GLU A 175 -21.06 7.05 -0.57
CA GLU A 175 -22.31 7.71 -0.22
C GLU A 175 -23.41 6.70 0.04
N GLN A 176 -23.45 5.62 -0.73
CA GLN A 176 -24.52 4.65 -0.63
C GLN A 176 -24.38 3.74 0.58
N PHE A 177 -23.17 3.38 0.99
CA PHE A 177 -22.99 2.30 1.94
C PHE A 177 -22.32 2.68 3.25
N CYS A 178 -21.52 3.75 3.29
CA CYS A 178 -20.76 4.04 4.50
C CYS A 178 -21.64 4.68 5.56
N THR A 179 -21.34 4.35 6.82
CA THR A 179 -22.13 4.87 7.94
C THR A 179 -21.95 6.37 8.08
N PHE A 180 -20.70 6.85 7.95
CA PHE A 180 -20.37 8.26 8.09
C PHE A 180 -19.60 8.67 6.83
N PRO A 181 -20.30 8.90 5.72
CA PRO A 181 -19.61 9.18 4.45
C PRO A 181 -18.64 10.34 4.53
N LYS A 182 -18.96 11.40 5.29
CA LYS A 182 -18.09 12.56 5.30
C LYS A 182 -16.76 12.28 6.00
N ILE A 183 -16.75 11.39 6.99
CA ILE A 183 -15.49 10.93 7.57
C ILE A 183 -14.68 10.18 6.53
N GLU A 184 -15.34 9.28 5.79
CA GLU A 184 -14.66 8.54 4.75
C GLU A 184 -14.17 9.43 3.60
N PHE A 185 -14.89 10.51 3.31
CA PHE A 185 -14.45 11.43 2.24
C PHE A 185 -13.08 12.02 2.55
N VAL A 186 -12.82 12.35 3.82
CA VAL A 186 -11.50 12.85 4.18
C VAL A 186 -10.43 11.83 3.86
N LYS A 187 -10.67 10.55 4.18
CA LYS A 187 -9.72 9.49 3.84
C LYS A 187 -9.51 9.41 2.34
N LEU A 188 -10.61 9.45 1.58
CA LEU A 188 -10.52 9.34 0.13
C LEU A 188 -9.71 10.49 -0.45
N PHE A 189 -9.91 11.70 0.09
CA PHE A 189 -9.15 12.86 -0.34
C PHE A 189 -7.66 12.66 -0.10
N LYS A 190 -7.30 12.27 1.13
CA LYS A 190 -5.89 12.05 1.44
C LYS A 190 -5.30 10.92 0.60
N LEU A 191 -6.04 9.81 0.43
CA LEU A 191 -5.55 8.70 -0.38
C LEU A 191 -5.28 9.12 -1.82
N THR A 192 -6.16 9.94 -2.39
CA THR A 192 -6.04 10.29 -3.79
C THR A 192 -4.90 11.29 -4.02
N LEU A 193 -4.73 12.26 -3.12
CA LEU A 193 -3.56 13.13 -3.21
C LEU A 193 -2.30 12.31 -3.04
N PHE A 194 -2.30 11.39 -2.08
CA PHE A 194 -1.15 10.54 -1.84
C PHE A 194 -0.79 9.77 -3.11
N ASN A 195 -1.78 9.12 -3.72
CA ASN A 195 -1.53 8.30 -4.91
C ASN A 195 -0.97 9.13 -6.06
N PHE A 196 -1.44 10.38 -6.22
CA PHE A 196 -0.89 11.26 -7.25
C PHE A 196 0.58 11.58 -6.97
N LEU A 197 0.89 11.92 -5.71
CA LEU A 197 2.25 12.32 -5.36
C LEU A 197 3.26 11.18 -5.51
N VAL A 198 2.86 9.94 -5.21
CA VAL A 198 3.78 8.81 -5.25
C VAL A 198 3.68 8.01 -6.55
N GLY A 199 2.98 8.53 -7.56
CA GLY A 199 3.03 7.80 -8.82
C GLY A 199 2.19 6.54 -8.86
N ASN A 200 1.20 6.43 -8.00
CA ASN A 200 0.35 5.25 -8.04
C ASN A 200 -0.73 5.50 -9.08
N GLU A 201 -0.47 5.03 -10.29
CA GLU A 201 -1.47 5.02 -11.35
C GLU A 201 -2.24 3.71 -11.39
N ASP A 202 -2.25 2.96 -10.28
CA ASP A 202 -2.92 1.67 -10.20
C ASP A 202 -3.86 1.58 -9.00
N MSE A 203 -4.40 2.72 -8.56
CA MSE A 203 -5.46 2.65 -7.56
C MSE A 203 -6.81 2.34 -8.21
O MSE A 203 -7.67 3.21 -8.40
CB MSE A 203 -5.50 3.91 -6.70
CG MSE A 203 -6.54 3.82 -5.62
SE MSE A 203 -5.68 2.95 -4.14
CE MSE A 203 -7.23 2.81 -2.97
N HIS A 204 -6.98 1.08 -8.56
CA HIS A 204 -8.13 0.64 -9.32
C HIS A 204 -9.32 0.33 -8.40
N LEU A 205 -10.44 -0.03 -9.04
CA LEU A 205 -11.71 -0.15 -8.32
C LEU A 205 -11.64 -1.20 -7.22
N LYS A 206 -10.90 -2.28 -7.45
CA LYS A 206 -10.82 -3.34 -6.46
C LYS A 206 -9.83 -3.02 -5.34
N ASN A 207 -9.13 -1.89 -5.42
CA ASN A 207 -8.27 -1.43 -4.33
C ASN A 207 -9.04 -0.61 -3.30
N PHE A 208 -10.31 -0.36 -3.53
CA PHE A 208 -11.20 0.23 -2.52
C PHE A 208 -12.08 -0.87 -1.98
N SER A 209 -12.22 -0.94 -0.66
CA SER A 209 -13.04 -1.93 0.01
C SER A 209 -13.68 -1.29 1.23
N LEU A 210 -14.89 -1.75 1.56
CA LEU A 210 -15.55 -1.35 2.79
C LEU A 210 -15.48 -2.49 3.78
N ILE A 211 -15.12 -2.16 5.01
CA ILE A 211 -15.05 -3.12 6.10
C ILE A 211 -16.13 -2.77 7.11
N THR A 212 -16.68 -3.80 7.76
CA THR A 212 -17.70 -3.62 8.78
C THR A 212 -17.04 -3.92 10.11
N LYS A 213 -16.89 -2.89 10.93
CA LYS A 213 -16.16 -3.02 12.19
C LYS A 213 -16.58 -1.88 13.09
N ASP A 214 -16.65 -2.15 14.39
CA ASP A 214 -16.98 -1.14 15.40
C ASP A 214 -18.27 -0.41 15.06
N ARG A 215 -19.31 -1.17 14.69
CA ARG A 215 -20.65 -0.65 14.44
C ARG A 215 -20.71 0.33 13.27
N LYS A 216 -19.72 0.30 12.39
CA LYS A 216 -19.76 1.16 11.21
C LYS A 216 -19.18 0.46 10.00
N ILE A 217 -19.64 0.89 8.84
CA ILE A 217 -19.14 0.46 7.54
C ILE A 217 -18.27 1.59 7.02
N SER A 218 -17.00 1.31 6.79
CA SER A 218 -16.03 2.36 6.50
C SER A 218 -15.03 1.86 5.45
N ILE A 219 -14.31 2.80 4.84
CA ILE A 219 -13.21 2.41 3.98
C ILE A 219 -12.18 1.64 4.80
N SER A 220 -11.70 0.53 4.24
CA SER A 220 -10.79 -0.38 4.93
C SER A 220 -9.44 0.29 5.16
N PRO A 221 -8.56 -0.35 5.93
CA PRO A 221 -7.15 0.07 5.93
C PRO A 221 -6.57 -0.04 4.52
N ALA A 222 -5.50 0.71 4.28
CA ALA A 222 -4.87 0.69 2.98
C ALA A 222 -4.27 -0.68 2.67
N TYR A 223 -4.30 -1.03 1.39
CA TYR A 223 -3.64 -2.22 0.88
C TYR A 223 -3.20 -1.97 -0.56
N ASP A 224 -2.14 -2.66 -0.96
CA ASP A 224 -1.67 -2.71 -2.35
C ASP A 224 -1.31 -1.34 -2.91
N LEU A 225 -0.72 -0.47 -2.08
CA LEU A 225 -0.23 0.84 -2.55
C LEU A 225 1.22 0.73 -2.98
N LEU A 226 1.50 1.13 -4.22
CA LEU A 226 2.85 1.11 -4.78
C LEU A 226 3.01 2.33 -5.67
N ASN A 227 4.25 2.77 -5.86
CA ASN A 227 4.58 3.67 -6.97
C ASN A 227 4.59 2.80 -8.22
N SER A 228 3.40 2.58 -8.79
CA SER A 228 3.32 1.69 -9.94
C SER A 228 4.02 2.29 -11.15
N THR A 229 4.15 3.62 -11.22
CA THR A 229 4.79 4.23 -12.37
C THR A 229 6.23 3.79 -12.51
N ILE A 230 7.00 3.83 -11.41
CA ILE A 230 8.42 3.51 -11.52
C ILE A 230 8.66 2.01 -11.71
N ALA A 231 7.67 1.17 -11.41
CA ALA A 231 7.80 -0.26 -11.65
C ALA A 231 7.66 -0.66 -13.11
N GLN A 232 7.17 0.25 -13.98
CA GLN A 232 6.88 -0.07 -15.37
C GLN A 232 7.81 0.67 -16.31
N LYS A 233 7.98 0.11 -17.50
CA LYS A 233 8.85 0.71 -18.50
C LYS A 233 8.21 1.92 -19.16
N ASN A 234 6.89 1.98 -19.18
CA ASN A 234 6.19 3.07 -19.85
C ASN A 234 4.79 3.15 -19.26
N THR A 235 4.37 4.36 -18.92
CA THR A 235 3.01 4.62 -18.49
C THR A 235 2.51 5.83 -19.25
N LYS A 236 1.23 5.83 -19.59
CA LYS A 236 0.65 6.95 -20.31
C LYS A 236 -0.38 7.70 -19.48
N GLU A 237 -0.70 7.21 -18.29
CA GLU A 237 -1.69 7.81 -17.40
C GLU A 237 -1.14 8.06 -16.01
N GLU A 238 -1.80 8.97 -15.30
CA GLU A 238 -1.50 9.29 -13.92
C GLU A 238 -2.47 8.66 -12.94
N LEU A 239 -3.70 8.39 -13.35
CA LEU A 239 -4.74 7.83 -12.49
C LEU A 239 -5.22 6.50 -13.05
N ALA A 240 -5.53 5.56 -12.16
CA ALA A 240 -6.17 4.31 -12.60
C ALA A 240 -7.61 4.56 -13.04
N LEU A 241 -8.31 5.44 -12.33
CA LEU A 241 -9.72 5.73 -12.58
C LEU A 241 -9.86 7.22 -12.84
N PRO A 242 -10.59 7.62 -13.88
CA PRO A 242 -10.68 9.05 -14.20
C PRO A 242 -11.30 9.87 -13.08
N LEU A 243 -10.85 11.12 -13.00
CA LEU A 243 -11.44 12.14 -12.14
C LEU A 243 -11.78 13.32 -13.03
N LYS A 244 -13.04 13.77 -12.99
CA LYS A 244 -13.49 14.81 -13.91
C LYS A 244 -13.30 14.36 -15.35
N GLY A 245 -13.34 13.06 -15.59
CA GLY A 245 -13.12 12.52 -16.93
C GLY A 245 -11.67 12.43 -17.34
N LYS A 246 -10.73 12.78 -16.48
CA LYS A 246 -9.33 12.90 -16.84
C LYS A 246 -8.52 11.78 -16.17
N LYS A 247 -7.57 11.21 -16.91
CA LYS A 247 -6.60 10.29 -16.34
C LYS A 247 -5.17 10.78 -16.42
N ASN A 248 -4.94 11.90 -17.10
CA ASN A 248 -3.64 12.54 -17.14
C ASN A 248 -3.87 14.05 -17.23
N ASN A 249 -2.80 14.81 -17.05
CA ASN A 249 -2.86 16.28 -17.04
C ASN A 249 -3.77 16.80 -15.93
N LEU A 250 -3.83 16.08 -14.81
CA LEU A 250 -4.62 16.55 -13.68
C LEU A 250 -4.01 17.85 -13.15
N THR A 251 -4.87 18.79 -12.75
CA THR A 251 -4.41 20.07 -12.24
C THR A 251 -4.66 20.18 -10.73
N LYS A 252 -3.97 21.13 -10.11
CA LYS A 252 -4.18 21.41 -8.70
C LYS A 252 -5.66 21.67 -8.40
N SER A 253 -6.34 22.46 -9.25
CA SER A 253 -7.74 22.74 -9.00
C SER A 253 -8.62 21.50 -9.20
N ASP A 254 -8.24 20.58 -10.10
CA ASP A 254 -9.01 19.35 -10.24
C ASP A 254 -9.09 18.62 -8.89
N PHE A 255 -7.98 18.62 -8.14
CA PHE A 255 -7.96 17.95 -6.84
C PHE A 255 -8.50 18.82 -5.72
N LEU A 256 -8.10 20.09 -5.66
CA LEU A 256 -8.41 20.91 -4.49
C LEU A 256 -9.73 21.65 -4.58
N LYS A 257 -10.32 21.76 -5.78
CA LYS A 257 -11.60 22.43 -5.95
C LYS A 257 -12.68 21.51 -6.47
N TYR A 258 -12.53 20.97 -7.69
CA TYR A 258 -13.54 20.06 -8.21
C TYR A 258 -13.73 18.86 -7.28
N PHE A 259 -12.65 18.17 -6.95
CA PHE A 259 -12.75 16.95 -6.14
C PHE A 259 -13.07 17.29 -4.69
N ALA A 260 -12.22 18.09 -4.04
CA ALA A 260 -12.35 18.34 -2.61
C ALA A 260 -13.65 19.07 -2.27
N ILE A 261 -14.05 20.05 -3.09
CA ILE A 261 -15.22 20.87 -2.75
C ILE A 261 -16.48 20.42 -3.49
N GLU A 262 -16.41 20.40 -4.82
CA GLU A 262 -17.63 20.12 -5.60
C GLU A 262 -18.11 18.69 -5.41
N LYS A 263 -17.18 17.73 -5.28
CA LYS A 263 -17.59 16.35 -5.12
C LYS A 263 -17.63 15.89 -3.67
N LEU A 264 -16.63 16.25 -2.87
CA LEU A 264 -16.55 15.76 -1.49
C LEU A 264 -17.11 16.73 -0.46
N GLY A 265 -17.37 17.98 -0.83
CA GLY A 265 -17.97 18.92 0.10
C GLY A 265 -17.13 19.29 1.29
N LEU A 266 -15.81 19.10 1.22
CA LEU A 266 -14.95 19.42 2.35
C LEU A 266 -14.87 20.93 2.54
N ASN A 267 -14.79 21.36 3.80
CA ASN A 267 -14.64 22.79 4.04
C ASN A 267 -13.20 23.23 3.83
N GLN A 268 -13.03 24.53 3.58
CA GLN A 268 -11.74 25.04 3.13
C GLN A 268 -10.67 24.83 4.20
N ASN A 269 -11.03 25.01 5.48
CA ASN A 269 -10.05 24.82 6.55
C ASN A 269 -9.53 23.40 6.57
N VAL A 270 -10.42 22.42 6.32
CA VAL A 270 -10.01 21.03 6.29
C VAL A 270 -9.06 20.77 5.12
N ILE A 271 -9.43 21.25 3.94
CA ILE A 271 -8.56 21.10 2.77
C ILE A 271 -7.20 21.73 3.03
N ASP A 272 -7.20 22.98 3.48
CA ASP A 272 -5.95 23.70 3.74
C ASP A 272 -5.07 22.95 4.74
N GLY A 273 -5.69 22.39 5.78
CA GLY A 273 -4.92 21.67 6.77
C GLY A 273 -4.29 20.40 6.21
N ILE A 274 -5.03 19.66 5.38
CA ILE A 274 -4.49 18.46 4.78
C ILE A 274 -3.37 18.79 3.79
N VAL A 275 -3.58 19.82 2.97
CA VAL A 275 -2.53 20.24 2.06
C VAL A 275 -1.25 20.58 2.84
N GLN A 276 -1.40 21.27 3.98
CA GLN A 276 -0.23 21.60 4.79
C GLN A 276 0.43 20.36 5.36
N GLU A 277 -0.35 19.34 5.73
CA GLU A 277 0.24 18.09 6.19
C GLU A 277 1.12 17.49 5.10
N PHE A 278 0.67 17.54 3.84
CA PHE A 278 1.48 16.99 2.77
C PHE A 278 2.73 17.83 2.52
N HIS A 279 2.58 19.16 2.55
CA HIS A 279 3.75 20.03 2.42
C HIS A 279 4.80 19.66 3.47
N GLN A 280 4.37 19.47 4.72
CA GLN A 280 5.31 19.26 5.80
C GLN A 280 5.98 17.89 5.76
N VAL A 281 5.30 16.88 5.19
CA VAL A 281 5.82 15.52 5.19
C VAL A 281 6.85 15.23 4.10
N ILE A 282 6.96 16.09 3.08
CA ILE A 282 7.84 15.77 1.95
C ILE A 282 9.27 15.47 2.36
N PRO A 283 9.93 16.29 3.20
CA PRO A 283 11.32 15.94 3.57
C PRO A 283 11.44 14.61 4.28
N LYS A 284 10.46 14.25 5.11
CA LYS A 284 10.50 12.94 5.75
C LYS A 284 10.34 11.82 4.73
N TRP A 285 9.43 11.99 3.77
CA TRP A 285 9.30 10.99 2.71
C TRP A 285 10.61 10.83 1.95
N GLN A 286 11.26 11.95 1.58
CA GLN A 286 12.51 11.86 0.86
C GLN A 286 13.56 11.11 1.65
N GLU A 287 13.64 11.40 2.96
CA GLU A 287 14.58 10.69 3.82
C GLU A 287 14.26 9.19 3.85
N LEU A 288 12.99 8.85 4.04
CA LEU A 288 12.59 7.45 4.08
C LEU A 288 12.90 6.73 2.78
N ILE A 289 12.63 7.38 1.63
CA ILE A 289 13.00 6.76 0.35
C ILE A 289 14.50 6.47 0.32
N GLY A 290 15.31 7.40 0.83
CA GLY A 290 16.74 7.16 0.88
C GLY A 290 17.12 5.99 1.77
N PHE A 291 16.36 5.76 2.83
CA PHE A 291 16.62 4.66 3.77
C PHE A 291 16.03 3.34 3.30
N SER A 292 15.35 3.33 2.16
CA SER A 292 14.54 2.20 1.77
C SER A 292 15.41 1.10 1.14
N PHE A 293 14.77 -0.01 0.79
CA PHE A 293 15.44 -1.13 0.17
C PHE A 293 15.34 -1.09 -1.35
N LEU A 294 14.83 0.00 -1.90
CA LEU A 294 14.92 0.24 -3.34
C LEU A 294 16.38 0.45 -3.75
N SER A 295 16.69 0.00 -4.96
CA SER A 295 18.00 0.30 -5.55
C SER A 295 18.17 1.81 -5.73
N GLN A 296 19.42 2.23 -5.93
CA GLN A 296 19.65 3.66 -6.17
C GLN A 296 18.86 4.14 -7.38
N GLU A 297 18.81 3.32 -8.43
CA GLU A 297 18.08 3.67 -9.65
C GLU A 297 16.60 3.87 -9.36
N MSE A 298 16.00 3.02 -8.53
CA MSE A 298 14.60 3.18 -8.23
C MSE A 298 14.32 4.31 -7.24
O MSE A 298 13.27 4.95 -7.33
CB MSE A 298 14.00 1.87 -7.71
CG MSE A 298 13.90 0.91 -8.82
SE MSE A 298 12.25 1.26 -9.77
CE MSE A 298 12.72 0.13 -11.30
N GLN A 299 15.23 4.50 -6.28
CA GLN A 299 15.11 5.66 -5.41
C GLN A 299 15.08 6.95 -6.24
N GLU A 300 15.99 7.04 -7.22
CA GLU A 300 16.07 8.25 -8.04
C GLU A 300 14.78 8.44 -8.84
N LYS A 301 14.22 7.35 -9.38
CA LYS A 301 12.96 7.47 -10.11
C LYS A 301 11.83 7.90 -9.19
N TYR A 302 11.77 7.34 -7.97
CA TYR A 302 10.75 7.72 -6.99
C TYR A 302 10.86 9.19 -6.66
N LEU A 303 12.07 9.65 -6.34
CA LEU A 303 12.27 11.04 -5.94
C LEU A 303 12.01 12.01 -7.08
N GLU A 304 12.37 11.65 -8.30
CA GLU A 304 12.14 12.52 -9.45
C GLU A 304 10.65 12.70 -9.70
N LEU A 305 9.89 11.59 -9.67
CA LEU A 305 8.45 11.69 -9.88
C LEU A 305 7.80 12.48 -8.75
N LEU A 306 8.19 12.19 -7.51
CA LEU A 306 7.63 12.91 -6.37
C LEU A 306 7.85 14.41 -6.50
N GLU A 307 9.06 14.84 -6.85
CA GLU A 307 9.32 16.26 -7.03
C GLU A 307 8.42 16.87 -8.08
N GLN A 308 8.24 16.18 -9.20
CA GLN A 308 7.42 16.74 -10.27
C GLN A 308 5.94 16.82 -9.88
N ARG A 309 5.44 15.83 -9.14
CA ARG A 309 4.05 15.88 -8.69
C ARG A 309 3.84 16.95 -7.64
N CYS A 310 4.82 17.15 -6.75
CA CYS A 310 4.74 18.24 -5.78
C CYS A 310 4.70 19.59 -6.48
N LYS A 311 5.53 19.77 -7.50
CA LYS A 311 5.54 21.03 -8.23
C LYS A 311 4.19 21.30 -8.87
N ARG A 312 3.52 20.26 -9.36
CA ARG A 312 2.24 20.47 -10.03
C ARG A 312 1.16 20.90 -9.06
N LEU A 313 1.29 20.57 -7.79
CA LEU A 313 0.39 21.06 -6.76
C LEU A 313 0.94 22.29 -6.04
N ASN A 314 2.00 22.91 -6.58
CA ASN A 314 2.56 24.17 -6.07
C ASN A 314 3.04 24.05 -4.63
N PHE A 315 3.62 22.91 -4.28
CA PHE A 315 4.03 22.67 -2.90
C PHE A 315 5.13 23.63 -2.46
N PHE A 316 5.95 24.10 -3.39
CA PHE A 316 7.15 24.83 -3.00
C PHE A 316 7.09 26.30 -3.41
#